data_7FP6
#
_entry.id   7FP6
#
_cell.length_a   89.007
_cell.length_b   81.771
_cell.length_c   93.303
_cell.angle_alpha   90
_cell.angle_beta   108.26
_cell.angle_gamma   90
#
_symmetry.space_group_name_H-M   'C 1 2 1'
#
loop_
_entity.id
_entity.type
_entity.pdbx_description
1 polymer 'Pre-mRNA-splicing factor 8'
2 polymer 'A1 cistron-splicing factor AAR2'
3 non-polymer (3R)-3-amino-3-phenylpropanenitrile
4 water water
#
loop_
_entity_poly.entity_id
_entity_poly.type
_entity_poly.pdbx_seq_one_letter_code
_entity_poly.pdbx_strand_id
1 'polypeptide(L)'
;GAMNSSNYAELFNNDIKLFVDDTNVYRVTVHKTFEGNVATKAINGCIFTLNPKTGHLFLKIIHTSVWAGQKRLSQLAKWK
TAEEVSALVRSLPKEEQPKQIIVTRKAMLDPLEVHMLDFPNIAIRPTELRLPFSAAMSIDKLSDVVMKATEPQMVLFNIY
DDWLDRISSYTAFSRLTLLLRALKTNEESAKMILLSDPTITIKSYHLWPSFTDEQWITIESQMRDLILTEYGRKYNVNIS
ALTQTEIKDIILGQNIKA
;
A
2 'polypeptide(L)'
;GAMAMNTVPFTSAPIEVTIGIDQYSFNVKENQPFHGIKDIPIGHVHVIHFQHADNSSMRYGYWFDCRMGNFYIQYDPKDG
LYKMMEERDGAKFENIVHNFKERQMMVSYPKIDEDDTWYNLTEFVQMDKIRKIVRKDENQFSYVDSSMTTVQENELSSSS
SDPAHSLNYTVINFKSREAIRPGHEMEDFLDKSYYLNTVMLQGIFKNSSNYFGELQFAFLNAMFFGNYGSSLQWHAMIEL
ICSSATVPKHMLDKLDEILYYQIKTLPEQYSDILLNERVWNICLYSSFQKNSLHNTEKIMENKYPELL
;
B
#
loop_
_chem_comp.id
_chem_comp.type
_chem_comp.name
_chem_comp.formula
W6L non-polymer (3R)-3-amino-3-phenylpropanenitrile 'C9 H10 N2'
#
# COMPACT_ATOMS: atom_id res chain seq x y z
N GLY A 1 -10.67 12.55 -0.82
CA GLY A 1 -10.95 11.14 -0.94
C GLY A 1 -11.88 10.82 -2.09
N ALA A 2 -12.96 10.09 -1.82
CA ALA A 2 -13.92 9.68 -2.84
C ALA A 2 -14.95 10.77 -3.07
N MET A 3 -15.53 10.75 -4.26
CA MET A 3 -16.41 11.79 -4.77
C MET A 3 -17.83 11.24 -4.78
N ASN A 4 -18.78 11.99 -4.22
CA ASN A 4 -20.15 11.47 -4.04
C ASN A 4 -21.15 12.62 -4.10
N SER A 5 -22.37 12.38 -3.57
CA SER A 5 -23.46 13.34 -3.65
C SER A 5 -23.32 14.50 -2.68
N SER A 6 -22.48 14.36 -1.67
CA SER A 6 -22.34 15.41 -0.67
C SER A 6 -21.41 16.52 -1.15
N ASN A 7 -20.48 16.20 -2.06
CA ASN A 7 -19.53 17.16 -2.60
C ASN A 7 -19.62 17.25 -4.11
N TYR A 8 -20.84 17.40 -4.64
CA TYR A 8 -21.08 17.31 -6.08
C TYR A 8 -20.76 18.64 -6.80
N ALA A 9 -21.07 19.76 -6.16
CA ALA A 9 -20.73 21.07 -6.72
C ALA A 9 -19.23 21.26 -6.87
N GLU A 10 -18.41 20.45 -6.20
CA GLU A 10 -16.97 20.62 -6.37
C GLU A 10 -16.59 20.46 -7.84
N LEU A 11 -17.34 19.66 -8.57
CA LEU A 11 -17.03 19.42 -9.98
C LEU A 11 -17.05 20.69 -10.80
N PHE A 12 -17.79 21.70 -10.37
CA PHE A 12 -17.99 22.91 -11.16
C PHE A 12 -17.32 24.14 -10.56
N ASN A 13 -16.43 23.96 -9.58
CA ASN A 13 -15.63 25.07 -9.08
C ASN A 13 -14.45 25.31 -10.04
N ASN A 14 -13.53 26.20 -9.66
CA ASN A 14 -12.50 26.67 -10.59
C ASN A 14 -11.17 25.93 -10.44
N ASP A 15 -11.14 24.81 -9.72
CA ASP A 15 -9.99 23.94 -9.67
C ASP A 15 -10.10 22.99 -10.87
N ILE A 16 -9.11 23.01 -11.75
CA ILE A 16 -9.15 22.14 -12.93
C ILE A 16 -9.17 20.69 -12.47
N LYS A 17 -10.10 19.91 -13.03
CA LYS A 17 -10.18 18.47 -12.75
C LYS A 17 -10.67 17.71 -13.96
N LEU A 18 -10.25 16.45 -14.05
CA LEU A 18 -10.67 15.56 -15.10
C LEU A 18 -11.26 14.28 -14.54
N PHE A 19 -12.36 13.81 -15.15
CA PHE A 19 -12.83 12.46 -15.00
C PHE A 19 -12.08 11.59 -15.98
N VAL A 20 -11.65 10.41 -15.55
CA VAL A 20 -11.11 9.41 -16.46
C VAL A 20 -11.98 8.15 -16.39
N ASP A 21 -12.45 7.69 -17.54
CA ASP A 21 -13.20 6.43 -17.63
C ASP A 21 -12.45 5.50 -18.55
N ASP A 22 -12.15 4.30 -18.06
CA ASP A 22 -11.41 3.32 -18.84
C ASP A 22 -12.26 2.18 -19.40
N THR A 23 -13.59 2.27 -19.27
N THR A 23 -13.60 2.30 -19.33
CA THR A 23 -14.42 1.13 -19.62
CA THR A 23 -14.49 1.17 -19.62
C THR A 23 -14.18 0.71 -21.05
C THR A 23 -14.55 0.81 -21.10
N ASN A 24 -14.05 1.67 -21.95
CA ASN A 24 -14.00 1.38 -23.38
C ASN A 24 -12.58 1.30 -23.94
N VAL A 25 -11.59 1.09 -23.09
CA VAL A 25 -10.21 0.98 -23.54
C VAL A 25 -9.97 -0.36 -24.24
N TYR A 26 -10.31 -1.45 -23.56
CA TYR A 26 -10.07 -2.80 -24.09
C TYR A 26 -11.45 -3.35 -24.43
N ARG A 27 -11.71 -3.47 -25.73
CA ARG A 27 -13.01 -3.91 -26.25
C ARG A 27 -12.78 -5.11 -27.12
N VAL A 28 -13.64 -6.12 -26.96
CA VAL A 28 -13.53 -7.36 -27.70
C VAL A 28 -14.89 -7.82 -28.20
N THR A 29 -14.86 -8.66 -29.22
CA THR A 29 -15.97 -9.51 -29.60
C THR A 29 -15.54 -10.94 -29.28
N VAL A 30 -16.43 -11.73 -28.70
CA VAL A 30 -16.16 -13.13 -28.41
C VAL A 30 -16.80 -13.96 -29.51
N HIS A 31 -16.07 -14.95 -30.03
CA HIS A 31 -16.59 -15.76 -31.13
C HIS A 31 -16.09 -17.19 -31.02
N LYS A 32 -16.75 -18.09 -31.76
CA LYS A 32 -16.31 -19.48 -31.88
C LYS A 32 -15.23 -19.66 -32.94
N THR A 33 -14.24 -20.48 -32.64
CA THR A 33 -13.23 -20.89 -33.60
C THR A 33 -13.69 -22.11 -34.40
N PHE A 34 -12.96 -22.41 -35.48
CA PHE A 34 -13.37 -23.54 -36.30
C PHE A 34 -13.44 -24.83 -35.50
N GLU A 35 -12.51 -24.99 -34.55
CA GLU A 35 -12.51 -26.14 -33.68
C GLU A 35 -13.59 -26.10 -32.62
N GLY A 36 -14.40 -25.04 -32.60
CA GLY A 36 -15.44 -24.91 -31.60
C GLY A 36 -14.96 -24.45 -30.25
N ASN A 37 -13.75 -23.91 -30.15
CA ASN A 37 -13.32 -23.20 -28.96
C ASN A 37 -13.83 -21.77 -29.05
N VAL A 38 -13.54 -20.96 -28.04
CA VAL A 38 -13.94 -19.57 -28.03
C VAL A 38 -12.67 -18.73 -28.08
N ALA A 39 -12.74 -17.61 -28.78
CA ALA A 39 -11.63 -16.71 -28.92
C ALA A 39 -12.18 -15.30 -28.93
N THR A 40 -11.33 -14.34 -28.62
CA THR A 40 -11.73 -12.93 -28.69
C THR A 40 -11.04 -12.27 -29.87
N LYS A 41 -11.68 -11.25 -30.42
CA LYS A 41 -11.02 -10.36 -31.37
C LYS A 41 -11.15 -8.94 -30.81
N ALA A 42 -10.03 -8.29 -30.56
CA ALA A 42 -10.07 -6.93 -30.07
C ALA A 42 -10.57 -5.99 -31.15
N ILE A 43 -11.23 -4.91 -30.72
CA ILE A 43 -11.55 -3.80 -31.61
C ILE A 43 -11.03 -2.52 -30.98
N ASN A 44 -11.01 -1.46 -31.76
CA ASN A 44 -10.45 -0.22 -31.28
C ASN A 44 -11.23 0.28 -30.08
N GLY A 45 -10.51 0.92 -29.18
CA GLY A 45 -11.07 1.45 -27.97
C GLY A 45 -10.76 2.91 -27.77
N CYS A 46 -11.09 3.42 -26.58
CA CYS A 46 -10.78 4.81 -26.31
C CYS A 46 -10.76 5.02 -24.81
N ILE A 47 -9.91 5.97 -24.39
CA ILE A 47 -9.96 6.56 -23.05
C ILE A 47 -10.86 7.78 -23.11
N PHE A 48 -11.74 7.92 -22.10
CA PHE A 48 -12.69 9.03 -21.99
C PHE A 48 -12.18 9.90 -20.83
N THR A 49 -11.55 11.01 -21.17
CA THR A 49 -10.99 11.95 -20.19
C THR A 49 -11.72 13.27 -20.36
N LEU A 50 -12.48 13.69 -19.35
CA LEU A 50 -13.43 14.80 -19.49
C LEU A 50 -13.22 15.85 -18.41
N ASN A 51 -13.11 17.12 -18.83
CA ASN A 51 -13.21 18.24 -17.88
C ASN A 51 -14.68 18.57 -17.69
N PRO A 52 -15.27 18.34 -16.50
CA PRO A 52 -16.73 18.50 -16.34
C PRO A 52 -17.15 19.93 -16.33
N LYS A 53 -16.21 20.85 -16.09
CA LYS A 53 -16.55 22.28 -16.04
C LYS A 53 -16.63 22.89 -17.45
N THR A 54 -15.70 22.53 -18.31
CA THR A 54 -15.59 23.14 -19.63
C THR A 54 -16.22 22.30 -20.74
N GLY A 55 -16.42 20.99 -20.50
CA GLY A 55 -16.85 20.07 -21.55
C GLY A 55 -15.75 19.53 -22.40
N HIS A 56 -14.51 19.95 -22.16
CA HIS A 56 -13.42 19.50 -23.02
C HIS A 56 -13.19 18.00 -22.79
N LEU A 57 -13.22 17.26 -23.89
CA LEU A 57 -13.06 15.82 -23.89
C LEU A 57 -11.77 15.51 -24.62
N PHE A 58 -10.88 14.81 -23.95
CA PHE A 58 -9.65 14.33 -24.58
C PHE A 58 -9.90 12.86 -24.89
N LEU A 59 -10.15 12.53 -26.14
CA LEU A 59 -10.52 11.17 -26.50
C LEU A 59 -9.29 10.52 -27.10
N LYS A 60 -8.61 9.73 -26.30
CA LYS A 60 -7.44 9.01 -26.80
C LYS A 60 -7.92 7.69 -27.38
N ILE A 61 -7.70 7.52 -28.69
CA ILE A 61 -8.13 6.32 -29.37
C ILE A 61 -7.07 5.24 -29.17
N ILE A 62 -7.51 4.07 -28.74
CA ILE A 62 -6.65 2.93 -28.44
C ILE A 62 -6.78 1.98 -29.61
N HIS A 63 -5.77 1.92 -30.46
CA HIS A 63 -5.81 1.07 -31.62
C HIS A 63 -5.43 -0.36 -31.22
N THR A 64 -6.04 -1.34 -31.88
CA THR A 64 -5.86 -2.74 -31.52
C THR A 64 -4.42 -3.22 -31.57
N SER A 65 -3.56 -2.54 -32.34
CA SER A 65 -2.15 -2.92 -32.40
C SER A 65 -1.48 -2.83 -31.03
N VAL A 66 -1.99 -2.00 -30.11
N VAL A 66 -1.97 -1.96 -30.15
CA VAL A 66 -1.34 -1.85 -28.82
CA VAL A 66 -1.43 -1.84 -28.79
C VAL A 66 -1.43 -3.14 -27.99
C VAL A 66 -1.32 -3.21 -28.14
N TRP A 67 -2.36 -4.04 -28.33
CA TRP A 67 -2.48 -5.29 -27.60
C TRP A 67 -1.67 -6.41 -28.22
N ALA A 68 -1.08 -6.17 -29.39
CA ALA A 68 -0.45 -7.29 -30.08
C ALA A 68 0.67 -7.90 -29.23
N GLY A 69 0.57 -9.21 -29.05
CA GLY A 69 1.62 -9.95 -28.37
C GLY A 69 1.65 -9.75 -26.88
N GLN A 70 0.67 -9.03 -26.34
CA GLN A 70 0.59 -8.79 -24.92
C GLN A 70 -0.30 -9.81 -24.22
N LYS A 71 0.02 -10.05 -22.95
CA LYS A 71 -0.77 -10.92 -22.09
C LYS A 71 -1.53 -10.09 -21.06
N ARG A 72 -2.54 -10.75 -20.47
CA ARG A 72 -3.34 -10.20 -19.37
C ARG A 72 -3.91 -8.83 -19.73
N LEU A 73 -4.67 -8.80 -20.85
CA LEU A 73 -4.98 -7.52 -21.48
C LEU A 73 -5.88 -6.65 -20.59
N SER A 74 -6.81 -7.25 -19.84
CA SER A 74 -7.64 -6.41 -18.97
C SER A 74 -6.80 -5.70 -17.90
N GLN A 75 -5.73 -6.33 -17.40
CA GLN A 75 -4.85 -5.63 -16.46
C GLN A 75 -3.98 -4.62 -17.19
N LEU A 76 -3.49 -4.98 -18.37
CA LEU A 76 -2.65 -4.05 -19.11
C LEU A 76 -3.42 -2.78 -19.46
N ALA A 77 -4.71 -2.94 -19.78
CA ALA A 77 -5.55 -1.82 -20.18
C ALA A 77 -5.61 -0.74 -19.12
N LYS A 78 -5.63 -1.14 -17.84
CA LYS A 78 -5.63 -0.13 -16.79
C LYS A 78 -4.31 0.64 -16.78
N TRP A 79 -3.17 -0.06 -16.94
CA TRP A 79 -1.89 0.62 -16.92
C TRP A 79 -1.65 1.45 -18.18
N LYS A 80 -2.14 0.97 -19.33
CA LYS A 80 -2.09 1.75 -20.58
C LYS A 80 -2.89 3.02 -20.45
N THR A 81 -4.07 2.94 -19.83
CA THR A 81 -4.86 4.13 -19.53
C THR A 81 -4.06 5.09 -18.67
N ALA A 82 -3.53 4.61 -17.56
CA ALA A 82 -2.73 5.45 -16.68
C ALA A 82 -1.57 6.07 -17.43
N GLU A 83 -0.86 5.32 -18.27
CA GLU A 83 0.24 5.87 -19.03
C GLU A 83 -0.22 7.00 -19.94
N GLU A 84 -1.32 6.79 -20.65
CA GLU A 84 -1.83 7.80 -21.57
C GLU A 84 -2.34 9.05 -20.82
N VAL A 85 -2.97 8.87 -19.65
CA VAL A 85 -3.42 10.06 -18.90
C VAL A 85 -2.22 10.84 -18.39
N SER A 86 -1.20 10.15 -17.87
N SER A 86 -1.21 10.14 -17.85
CA SER A 86 0.00 10.85 -17.43
CA SER A 86 0.02 10.79 -17.43
C SER A 86 0.69 11.57 -18.59
C SER A 86 0.68 11.55 -18.57
N ALA A 87 0.75 10.93 -19.76
CA ALA A 87 1.34 11.59 -20.93
C ALA A 87 0.55 12.85 -21.31
N LEU A 88 -0.78 12.80 -21.20
CA LEU A 88 -1.62 13.97 -21.47
C LEU A 88 -1.34 15.09 -20.49
N VAL A 89 -1.27 14.76 -19.21
CA VAL A 89 -0.98 15.79 -18.23
C VAL A 89 0.36 16.45 -18.53
N ARG A 90 1.40 15.64 -18.79
CA ARG A 90 2.72 16.21 -19.09
C ARG A 90 2.69 17.08 -20.33
N SER A 91 1.80 16.77 -21.26
CA SER A 91 1.73 17.54 -22.50
C SER A 91 1.07 18.88 -22.30
N LEU A 92 0.39 19.09 -21.21
CA LEU A 92 -0.35 20.33 -21.01
C LEU A 92 0.55 21.35 -20.31
N PRO A 93 0.38 22.64 -20.60
CA PRO A 93 1.08 23.66 -19.83
C PRO A 93 0.68 23.53 -18.37
N LYS A 94 1.60 23.96 -17.50
CA LYS A 94 1.42 23.84 -16.07
C LYS A 94 0.08 24.41 -15.63
N GLU A 95 -0.28 25.58 -16.16
CA GLU A 95 -1.51 26.21 -15.69
C GLU A 95 -2.76 25.51 -16.20
N GLU A 96 -2.63 24.54 -17.11
CA GLU A 96 -3.75 23.73 -17.58
C GLU A 96 -3.79 22.34 -16.95
N GLN A 97 -2.77 21.96 -16.20
CA GLN A 97 -2.77 20.64 -15.61
C GLN A 97 -3.85 20.54 -14.52
N PRO A 98 -4.47 19.37 -14.38
CA PRO A 98 -5.51 19.24 -13.35
C PRO A 98 -4.91 19.27 -11.98
N LYS A 99 -5.72 19.75 -11.02
N LYS A 99 -5.72 19.76 -11.03
CA LYS A 99 -5.36 19.58 -9.62
CA LYS A 99 -5.41 19.61 -9.62
C LYS A 99 -5.91 18.28 -9.05
C LYS A 99 -5.88 18.27 -9.07
N GLN A 100 -6.91 17.67 -9.69
CA GLN A 100 -7.47 16.39 -9.29
C GLN A 100 -7.81 15.59 -10.54
N ILE A 101 -7.67 14.28 -10.44
CA ILE A 101 -8.17 13.38 -11.45
C ILE A 101 -9.09 12.39 -10.75
N ILE A 102 -10.32 12.30 -11.22
CA ILE A 102 -11.32 11.39 -10.66
C ILE A 102 -11.50 10.20 -11.60
N VAL A 103 -11.19 8.97 -11.10
CA VAL A 103 -11.37 7.77 -11.90
C VAL A 103 -12.75 7.17 -11.63
N THR A 104 -13.40 6.74 -12.69
CA THR A 104 -14.72 6.16 -12.53
C THR A 104 -14.70 4.74 -11.96
N ARG A 105 -13.58 4.04 -12.00
CA ARG A 105 -13.50 2.69 -11.46
C ARG A 105 -12.31 2.58 -10.52
N LYS A 106 -12.50 1.98 -9.34
CA LYS A 106 -11.47 2.01 -8.30
C LYS A 106 -10.20 1.28 -8.70
N ALA A 107 -10.30 0.36 -9.65
CA ALA A 107 -9.13 -0.37 -10.12
C ALA A 107 -8.15 0.51 -10.88
N MET A 108 -8.52 1.74 -11.27
CA MET A 108 -7.58 2.65 -11.90
C MET A 108 -6.74 3.42 -10.89
N LEU A 109 -7.07 3.34 -9.60
CA LEU A 109 -6.39 4.20 -8.64
C LEU A 109 -4.90 3.91 -8.57
N ASP A 110 -4.52 2.65 -8.32
CA ASP A 110 -3.10 2.36 -8.18
C ASP A 110 -2.35 2.58 -9.49
N PRO A 111 -2.83 2.09 -10.64
CA PRO A 111 -2.11 2.37 -11.90
C PRO A 111 -1.87 3.84 -12.10
N LEU A 112 -2.91 4.66 -11.87
CA LEU A 112 -2.74 6.08 -12.12
C LEU A 112 -1.85 6.73 -11.07
N GLU A 113 -1.99 6.34 -9.81
CA GLU A 113 -1.12 6.90 -8.77
C GLU A 113 0.36 6.65 -9.12
N VAL A 114 0.67 5.42 -9.53
CA VAL A 114 2.04 5.05 -9.86
C VAL A 114 2.56 5.87 -11.05
N HIS A 115 1.74 6.00 -12.10
CA HIS A 115 2.16 6.79 -13.26
C HIS A 115 2.26 8.27 -12.96
N MET A 116 1.60 8.73 -11.93
CA MET A 116 1.62 10.16 -11.60
C MET A 116 2.52 10.47 -10.43
N LEU A 117 3.52 9.60 -10.13
CA LEU A 117 4.37 9.89 -8.96
C LEU A 117 5.12 11.21 -9.13
N ASP A 118 5.38 11.62 -10.36
CA ASP A 118 6.05 12.89 -10.60
C ASP A 118 5.18 14.11 -10.30
N PHE A 119 3.88 13.90 -10.03
CA PHE A 119 2.92 14.97 -9.78
C PHE A 119 2.28 14.76 -8.41
N PRO A 120 3.05 14.90 -7.32
CA PRO A 120 2.50 14.60 -5.99
C PRO A 120 1.36 15.52 -5.59
N ASN A 121 1.28 16.71 -6.16
CA ASN A 121 0.18 17.60 -5.83
C ASN A 121 -1.09 17.35 -6.62
N ILE A 122 -1.12 16.40 -7.57
CA ILE A 122 -2.35 16.07 -8.26
C ILE A 122 -3.05 14.95 -7.49
N ALA A 123 -4.23 15.24 -6.97
CA ALA A 123 -5.00 14.27 -6.21
C ALA A 123 -5.71 13.28 -7.11
N ILE A 124 -5.53 11.99 -6.84
CA ILE A 124 -6.17 10.92 -7.58
C ILE A 124 -7.27 10.37 -6.69
N ARG A 125 -8.53 10.45 -7.14
CA ARG A 125 -9.72 10.17 -6.35
C ARG A 125 -10.63 9.19 -7.06
N PRO A 126 -11.30 8.31 -6.30
CA PRO A 126 -12.42 7.57 -6.88
C PRO A 126 -13.71 8.35 -6.69
N THR A 127 -14.81 7.76 -7.12
CA THR A 127 -16.12 8.37 -6.95
C THR A 127 -17.14 7.30 -6.58
N GLU A 128 -18.12 7.71 -5.76
N GLU A 128 -18.12 7.70 -5.76
CA GLU A 128 -19.26 6.86 -5.43
CA GLU A 128 -19.24 6.81 -5.48
C GLU A 128 -20.39 7.02 -6.45
C GLU A 128 -20.39 7.00 -6.47
N LEU A 129 -20.33 8.03 -7.30
CA LEU A 129 -21.28 8.15 -8.39
C LEU A 129 -21.09 7.01 -9.39
N ARG A 130 -22.21 6.51 -9.91
CA ARG A 130 -22.19 5.51 -10.99
C ARG A 130 -22.44 6.29 -12.30
N LEU A 131 -21.37 6.83 -12.88
CA LEU A 131 -21.52 7.69 -14.04
C LEU A 131 -21.65 6.87 -15.32
N PRO A 132 -22.38 7.38 -16.31
CA PRO A 132 -22.73 6.54 -17.45
C PRO A 132 -21.75 6.70 -18.61
N PHE A 133 -20.48 7.00 -18.30
CA PHE A 133 -19.54 7.32 -19.38
C PHE A 133 -19.23 6.14 -20.29
N SER A 134 -19.50 4.90 -19.87
CA SER A 134 -19.33 3.79 -20.82
C SER A 134 -20.18 4.00 -22.06
N ALA A 135 -21.27 4.74 -21.97
CA ALA A 135 -22.11 4.94 -23.15
C ALA A 135 -21.54 5.96 -24.13
N ALA A 136 -20.31 6.43 -23.93
CA ALA A 136 -19.71 7.37 -24.89
C ALA A 136 -19.70 6.82 -26.29
N MET A 137 -19.53 5.50 -26.43
CA MET A 137 -19.45 4.94 -27.75
C MET A 137 -20.84 4.83 -28.39
N SER A 138 -21.89 5.28 -27.70
CA SER A 138 -23.19 5.41 -28.34
C SER A 138 -23.38 6.77 -28.97
N ILE A 139 -22.44 7.69 -28.81
CA ILE A 139 -22.46 8.95 -29.56
C ILE A 139 -21.84 8.67 -30.92
N ASP A 140 -22.62 8.85 -31.98
CA ASP A 140 -22.23 8.35 -33.28
C ASP A 140 -20.88 8.90 -33.71
N LYS A 141 -20.65 10.20 -33.52
CA LYS A 141 -19.43 10.77 -34.07
C LYS A 141 -18.19 10.30 -33.30
N LEU A 142 -18.37 9.96 -32.01
CA LEU A 142 -17.25 9.42 -31.24
C LEU A 142 -16.99 7.96 -31.63
N SER A 143 -18.05 7.17 -31.71
CA SER A 143 -17.89 5.81 -32.22
C SER A 143 -17.22 5.81 -33.58
N ASP A 144 -17.62 6.75 -34.47
CA ASP A 144 -17.07 6.74 -35.83
C ASP A 144 -15.57 6.98 -35.83
N VAL A 145 -15.08 7.93 -35.04
CA VAL A 145 -13.66 8.25 -35.11
C VAL A 145 -12.86 7.11 -34.51
N VAL A 146 -13.41 6.47 -33.49
CA VAL A 146 -12.70 5.34 -32.87
C VAL A 146 -12.61 4.18 -33.87
N MET A 147 -13.72 3.83 -34.50
N MET A 147 -13.72 3.83 -34.51
N MET A 147 -13.72 3.81 -34.50
CA MET A 147 -13.79 2.67 -35.38
CA MET A 147 -13.71 2.64 -35.38
CA MET A 147 -13.68 2.63 -35.38
C MET A 147 -12.97 2.88 -36.66
C MET A 147 -12.92 2.87 -36.65
C MET A 147 -12.85 2.89 -36.63
N LYS A 148 -12.82 4.12 -37.12
CA LYS A 148 -12.05 4.39 -38.34
C LYS A 148 -10.52 4.50 -38.12
N ALA A 149 -10.05 4.60 -36.88
CA ALA A 149 -8.64 4.88 -36.65
C ALA A 149 -7.80 3.69 -37.09
N THR A 150 -6.74 3.99 -37.84
CA THR A 150 -5.77 2.99 -38.23
C THR A 150 -4.49 3.09 -37.42
N GLU A 151 -4.42 4.01 -36.47
CA GLU A 151 -3.25 4.19 -35.63
C GLU A 151 -3.68 4.92 -34.36
N PRO A 152 -2.87 4.87 -33.30
CA PRO A 152 -3.17 5.66 -32.11
C PRO A 152 -3.37 7.13 -32.48
N GLN A 153 -4.33 7.75 -31.80
CA GLN A 153 -4.69 9.11 -32.17
C GLN A 153 -5.43 9.72 -30.99
N MET A 154 -5.19 11.00 -30.76
CA MET A 154 -5.93 11.80 -29.78
C MET A 154 -6.84 12.74 -30.53
N VAL A 155 -8.11 12.76 -30.17
CA VAL A 155 -9.09 13.67 -30.79
C VAL A 155 -9.75 14.48 -29.69
N LEU A 156 -9.91 15.79 -29.94
CA LEU A 156 -10.44 16.71 -28.95
C LEU A 156 -11.87 17.09 -29.33
N PHE A 157 -12.77 17.00 -28.35
CA PHE A 157 -14.15 17.35 -28.58
C PHE A 157 -14.58 18.26 -27.44
N ASN A 158 -15.67 19.04 -27.64
CA ASN A 158 -16.44 19.59 -26.51
C ASN A 158 -17.74 18.82 -26.41
N ILE A 159 -17.91 18.06 -25.32
CA ILE A 159 -19.07 17.18 -25.25
C ILE A 159 -20.36 17.91 -24.93
N TYR A 160 -20.26 19.21 -24.58
CA TYR A 160 -21.42 20.05 -24.32
C TYR A 160 -21.84 20.85 -25.55
N ASP A 161 -21.19 20.63 -26.69
CA ASP A 161 -21.44 21.48 -27.89
C ASP A 161 -21.34 22.94 -27.44
N ASP A 162 -22.32 23.79 -27.73
CA ASP A 162 -22.33 25.19 -27.34
C ASP A 162 -23.23 25.46 -26.15
N TRP A 163 -23.54 24.42 -25.35
CA TRP A 163 -24.56 24.60 -24.33
C TRP A 163 -24.15 25.62 -23.29
N LEU A 164 -22.84 25.75 -23.00
CA LEU A 164 -22.43 26.65 -21.93
C LEU A 164 -22.69 28.11 -22.29
N ASP A 165 -22.99 28.41 -23.55
CA ASP A 165 -23.47 29.76 -23.90
C ASP A 165 -24.81 30.11 -23.27
N ARG A 166 -25.59 29.10 -22.89
CA ARG A 166 -26.93 29.32 -22.37
C ARG A 166 -27.17 28.75 -20.99
N ILE A 167 -26.38 27.75 -20.54
CA ILE A 167 -26.62 27.09 -19.26
C ILE A 167 -25.32 26.96 -18.50
N SER A 168 -25.43 26.64 -17.21
CA SER A 168 -24.24 26.52 -16.38
C SER A 168 -23.64 25.14 -16.56
N SER A 169 -22.37 25.01 -16.15
N SER A 169 -22.38 24.97 -16.11
CA SER A 169 -21.72 23.71 -16.20
CA SER A 169 -21.76 23.66 -16.25
C SER A 169 -22.54 22.66 -15.46
C SER A 169 -22.43 22.61 -15.39
N TYR A 170 -23.01 22.98 -14.24
CA TYR A 170 -23.78 22.02 -13.49
C TYR A 170 -24.93 21.48 -14.32
N THR A 171 -25.69 22.37 -14.96
CA THR A 171 -26.82 21.91 -15.78
C THR A 171 -26.36 21.14 -16.99
N ALA A 172 -25.25 21.55 -17.58
CA ALA A 172 -24.73 20.87 -18.77
C ALA A 172 -24.29 19.45 -18.43
N PHE A 173 -23.59 19.28 -17.31
CA PHE A 173 -23.25 17.94 -16.83
C PHE A 173 -24.47 17.10 -16.54
N SER A 174 -25.49 17.66 -15.86
CA SER A 174 -26.72 16.92 -15.62
C SER A 174 -27.39 16.48 -16.92
N ARG A 175 -27.43 17.37 -17.92
CA ARG A 175 -27.97 16.97 -19.22
C ARG A 175 -27.15 15.85 -19.84
N LEU A 176 -25.81 15.97 -19.80
CA LEU A 176 -24.95 14.95 -20.42
C LEU A 176 -25.18 13.61 -19.75
N THR A 177 -25.18 13.59 -18.41
CA THR A 177 -25.33 12.32 -17.72
C THR A 177 -26.73 11.76 -17.92
N LEU A 178 -27.76 12.60 -18.04
CA LEU A 178 -29.06 12.04 -18.39
C LEU A 178 -29.06 11.42 -19.79
N LEU A 179 -28.45 12.10 -20.77
CA LEU A 179 -28.44 11.56 -22.12
C LEU A 179 -27.70 10.23 -22.15
N LEU A 180 -26.57 10.20 -21.48
CA LEU A 180 -25.72 9.01 -21.52
C LEU A 180 -26.36 7.86 -20.75
N ARG A 181 -26.97 8.16 -19.60
CA ARG A 181 -27.74 7.13 -18.90
C ARG A 181 -28.83 6.54 -19.80
N ALA A 182 -29.57 7.38 -20.54
CA ALA A 182 -30.58 6.85 -21.43
C ALA A 182 -29.96 5.97 -22.51
N LEU A 183 -28.88 6.45 -23.14
CA LEU A 183 -28.26 5.70 -24.22
C LEU A 183 -27.77 4.35 -23.71
N LYS A 184 -27.33 4.34 -22.45
CA LYS A 184 -26.86 3.10 -21.84
C LYS A 184 -28.01 2.14 -21.54
N THR A 185 -29.17 2.67 -21.13
N THR A 185 -29.17 2.67 -21.16
CA THR A 185 -30.27 1.80 -20.73
CA THR A 185 -30.28 1.81 -20.73
C THR A 185 -31.03 1.26 -21.94
C THR A 185 -31.07 1.28 -21.91
N ASN A 186 -31.25 2.09 -22.97
CA ASN A 186 -31.93 1.63 -24.18
C ASN A 186 -31.46 2.53 -25.33
N GLU A 187 -30.40 2.08 -26.00
CA GLU A 187 -29.75 2.92 -27.00
C GLU A 187 -30.69 3.23 -28.17
N GLU A 188 -31.42 2.24 -28.67
CA GLU A 188 -32.26 2.46 -29.84
C GLU A 188 -33.30 3.55 -29.55
N SER A 189 -33.98 3.41 -28.41
CA SER A 189 -35.02 4.36 -28.03
C SER A 189 -34.43 5.76 -27.83
N ALA A 190 -33.30 5.83 -27.13
CA ALA A 190 -32.65 7.11 -26.90
C ALA A 190 -32.29 7.80 -28.21
N LYS A 191 -31.66 7.09 -29.13
CA LYS A 191 -31.31 7.72 -30.39
C LYS A 191 -32.57 8.11 -31.18
N MET A 192 -33.62 7.28 -31.12
CA MET A 192 -34.89 7.65 -31.75
CA MET A 192 -34.90 7.64 -31.73
C MET A 192 -35.40 8.98 -31.20
N ILE A 193 -35.39 9.15 -29.88
CA ILE A 193 -35.82 10.40 -29.28
C ILE A 193 -34.98 11.54 -29.81
N LEU A 194 -33.68 11.34 -29.90
CA LEU A 194 -32.78 12.42 -30.25
C LEU A 194 -32.94 12.84 -31.71
N LEU A 195 -33.38 11.94 -32.59
CA LEU A 195 -33.35 12.22 -34.01
C LEU A 195 -34.71 12.09 -34.68
N SER A 196 -35.77 11.86 -33.92
CA SER A 196 -37.09 11.64 -34.52
C SER A 196 -37.52 12.80 -35.40
N ASP A 197 -37.14 14.03 -35.05
CA ASP A 197 -37.60 15.22 -35.76
C ASP A 197 -36.53 15.69 -36.73
N PRO A 198 -36.66 15.42 -38.03
CA PRO A 198 -35.56 15.74 -38.95
C PRO A 198 -35.29 17.24 -39.09
N THR A 199 -36.21 18.10 -38.68
CA THR A 199 -35.94 19.53 -38.79
C THR A 199 -34.84 19.99 -37.83
N ILE A 200 -34.52 19.20 -36.82
CA ILE A 200 -33.49 19.55 -35.86
C ILE A 200 -32.27 18.73 -36.22
N THR A 201 -31.18 19.39 -36.57
CA THR A 201 -30.00 18.70 -37.07
C THR A 201 -28.84 18.86 -36.09
N ILE A 202 -27.80 18.06 -36.35
CA ILE A 202 -26.54 18.13 -35.65
C ILE A 202 -25.57 18.92 -36.50
N LYS A 203 -25.09 20.05 -35.96
CA LYS A 203 -24.12 20.82 -36.72
C LYS A 203 -22.88 19.97 -36.95
N SER A 204 -22.19 20.26 -38.06
CA SER A 204 -20.97 19.54 -38.39
C SER A 204 -19.97 19.56 -37.25
N TYR A 205 -19.90 20.67 -36.50
CA TYR A 205 -18.91 20.79 -35.45
C TYR A 205 -19.48 20.42 -34.06
N HIS A 206 -20.64 19.76 -34.01
CA HIS A 206 -21.30 19.35 -32.77
C HIS A 206 -21.51 17.83 -32.68
N LEU A 207 -21.86 17.38 -31.49
CA LEU A 207 -22.16 15.96 -31.27
C LEU A 207 -23.63 15.70 -31.15
N TRP A 208 -24.40 16.66 -30.63
CA TRP A 208 -25.80 16.51 -30.35
C TRP A 208 -26.60 17.50 -31.21
N PRO A 209 -27.89 17.30 -31.33
CA PRO A 209 -28.73 18.18 -32.15
C PRO A 209 -28.83 19.58 -31.58
N SER A 210 -29.23 20.49 -32.45
CA SER A 210 -29.36 21.93 -32.15
C SER A 210 -30.73 22.29 -31.57
N PHE A 211 -31.02 21.73 -30.41
CA PHE A 211 -32.31 21.97 -29.74
C PHE A 211 -32.38 23.35 -29.13
N THR A 212 -33.54 23.99 -29.25
CA THR A 212 -33.80 25.18 -28.49
C THR A 212 -33.97 24.82 -27.00
N ASP A 213 -33.97 25.84 -26.16
CA ASP A 213 -34.20 25.62 -24.73
C ASP A 213 -35.49 24.85 -24.47
N GLU A 214 -36.57 25.22 -25.17
CA GLU A 214 -37.84 24.52 -24.97
C GLU A 214 -37.72 23.07 -25.41
N GLN A 215 -37.12 22.84 -26.58
CA GLN A 215 -36.96 21.49 -27.08
C GLN A 215 -36.08 20.64 -26.17
N TRP A 216 -35.11 21.25 -25.48
CA TRP A 216 -34.26 20.46 -24.60
C TRP A 216 -35.04 19.96 -23.40
N ILE A 217 -35.93 20.81 -22.87
CA ILE A 217 -36.81 20.39 -21.79
C ILE A 217 -37.65 19.21 -22.22
N THR A 218 -38.22 19.28 -23.42
CA THR A 218 -39.00 18.14 -23.91
C THR A 218 -38.11 16.91 -24.08
N ILE A 219 -36.94 17.08 -24.71
CA ILE A 219 -36.01 15.96 -24.86
C ILE A 219 -35.68 15.37 -23.50
N GLU A 220 -35.32 16.24 -22.55
CA GLU A 220 -34.92 15.73 -21.23
C GLU A 220 -36.06 14.94 -20.58
N SER A 221 -37.30 15.42 -20.74
N SER A 221 -37.30 15.41 -20.71
CA SER A 221 -38.45 14.70 -20.19
CA SER A 221 -38.42 14.66 -20.15
C SER A 221 -38.60 13.32 -20.83
C SER A 221 -38.57 13.30 -20.83
N GLN A 222 -38.45 13.25 -22.15
CA GLN A 222 -38.55 11.97 -22.84
C GLN A 222 -37.48 11.01 -22.38
N MET A 223 -36.28 11.51 -22.06
CA MET A 223 -35.20 10.64 -21.62
C MET A 223 -35.44 10.09 -20.24
N ARG A 224 -36.00 10.92 -19.34
N ARG A 224 -36.04 10.89 -19.35
CA ARG A 224 -36.45 10.41 -18.05
CA ARG A 224 -36.42 10.39 -18.04
C ARG A 224 -37.51 9.34 -18.22
C ARG A 224 -37.56 9.38 -18.14
N ASP A 225 -38.55 9.64 -19.00
CA ASP A 225 -39.59 8.65 -19.28
CA ASP A 225 -39.59 8.64 -19.28
C ASP A 225 -38.97 7.33 -19.76
N LEU A 226 -38.04 7.39 -20.71
CA LEU A 226 -37.38 6.19 -21.20
C LEU A 226 -36.71 5.45 -20.05
N ILE A 227 -35.97 6.17 -19.22
CA ILE A 227 -35.24 5.52 -18.14
C ILE A 227 -36.20 4.90 -17.15
N LEU A 228 -37.27 5.61 -16.81
CA LEU A 228 -38.28 5.03 -15.94
C LEU A 228 -38.96 3.83 -16.62
N THR A 229 -39.33 3.98 -17.91
CA THR A 229 -39.91 2.87 -18.66
C THR A 229 -39.04 1.61 -18.59
N GLU A 230 -37.75 1.74 -18.93
CA GLU A 230 -36.85 0.59 -18.89
C GLU A 230 -36.75 0.02 -17.49
N TYR A 231 -36.70 0.89 -16.49
CA TYR A 231 -36.67 0.42 -15.12
C TYR A 231 -37.91 -0.41 -14.81
N GLY A 232 -39.04 -0.02 -15.39
CA GLY A 232 -40.26 -0.81 -15.21
C GLY A 232 -40.23 -2.10 -15.99
N ARG A 233 -39.85 -2.04 -17.27
CA ARG A 233 -39.72 -3.26 -18.07
C ARG A 233 -38.77 -4.23 -17.40
N LYS A 234 -37.69 -3.72 -16.80
CA LYS A 234 -36.68 -4.57 -16.19
C LYS A 234 -37.22 -5.27 -14.95
N TYR A 235 -37.81 -4.50 -14.04
CA TYR A 235 -38.25 -5.00 -12.75
C TYR A 235 -39.74 -5.36 -12.73
N ASN A 236 -40.47 -5.16 -13.81
CA ASN A 236 -41.91 -5.39 -13.84
C ASN A 236 -42.60 -4.60 -12.73
N VAL A 237 -42.78 -3.29 -12.96
CA VAL A 237 -43.34 -2.38 -11.95
C VAL A 237 -44.44 -1.52 -12.57
N MET B 5 30.08 -17.20 29.94
CA MET B 5 28.71 -16.69 30.26
C MET B 5 28.74 -15.32 30.97
N ASN B 6 27.90 -14.40 30.54
CA ASN B 6 27.95 -13.04 31.07
C ASN B 6 26.76 -12.76 31.99
N THR B 7 26.84 -11.61 32.65
CA THR B 7 25.96 -11.25 33.75
C THR B 7 25.55 -9.80 33.60
N VAL B 8 24.28 -9.46 33.93
CA VAL B 8 23.69 -8.09 33.99
C VAL B 8 23.23 -7.86 35.44
N PRO B 9 24.06 -7.28 36.32
CA PRO B 9 23.66 -7.10 37.71
C PRO B 9 22.73 -5.89 37.88
N PHE B 10 21.98 -5.86 38.97
CA PHE B 10 20.97 -4.82 39.29
C PHE B 10 21.34 -4.19 40.62
N THR B 11 21.24 -2.87 40.77
CA THR B 11 21.51 -2.22 42.07
C THR B 11 20.54 -2.80 43.07
N SER B 12 19.28 -2.82 42.70
CA SER B 12 18.14 -3.31 43.50
C SER B 12 16.92 -3.35 42.56
N ALA B 13 15.79 -3.81 43.07
CA ALA B 13 14.50 -3.82 42.38
C ALA B 13 13.46 -3.10 43.25
N PRO B 14 13.45 -1.76 43.18
CA PRO B 14 12.57 -0.99 44.09
C PRO B 14 11.11 -0.98 43.71
N ILE B 15 10.76 -1.29 42.46
CA ILE B 15 9.38 -1.35 42.07
C ILE B 15 9.08 -2.69 41.41
N GLU B 16 7.87 -3.16 41.67
CA GLU B 16 7.42 -4.45 41.19
C GLU B 16 7.32 -4.39 39.67
N VAL B 17 7.89 -5.41 39.02
CA VAL B 17 8.12 -5.34 37.58
C VAL B 17 8.22 -6.75 37.05
N THR B 18 7.67 -6.95 35.85
CA THR B 18 7.94 -8.14 35.07
C THR B 18 9.18 -7.88 34.19
N ILE B 19 10.20 -8.72 34.35
CA ILE B 19 11.47 -8.56 33.63
C ILE B 19 11.54 -9.61 32.54
N GLY B 20 11.83 -9.18 31.34
CA GLY B 20 12.11 -10.08 30.23
C GLY B 20 13.58 -10.12 29.90
N ILE B 21 14.07 -11.30 29.55
CA ILE B 21 15.42 -11.45 29.03
C ILE B 21 15.25 -12.33 27.80
N ASP B 22 15.48 -11.75 26.64
CA ASP B 22 15.19 -12.46 25.38
C ASP B 22 13.76 -12.99 25.48
N GLN B 23 13.51 -14.25 25.13
CA GLN B 23 12.14 -14.77 25.09
C GLN B 23 11.65 -15.27 26.44
N TYR B 24 12.41 -15.07 27.51
CA TYR B 24 12.02 -15.46 28.86
C TYR B 24 11.52 -14.27 29.67
N SER B 25 10.78 -14.56 30.75
CA SER B 25 10.30 -13.48 31.60
C SER B 25 9.99 -13.99 32.99
N PHE B 26 10.17 -13.09 33.96
CA PHE B 26 9.93 -13.46 35.36
C PHE B 26 9.51 -12.22 36.11
N ASN B 27 8.78 -12.46 37.20
CA ASN B 27 8.21 -11.40 38.01
C ASN B 27 9.11 -11.10 39.18
N VAL B 28 9.29 -9.83 39.51
CA VAL B 28 10.03 -9.41 40.69
C VAL B 28 9.15 -8.50 41.54
N LYS B 29 9.01 -8.80 42.84
CA LYS B 29 8.14 -7.99 43.69
C LYS B 29 8.87 -6.75 44.21
N GLU B 30 8.07 -5.77 44.69
CA GLU B 30 8.61 -4.50 45.16
C GLU B 30 9.62 -4.73 46.27
N ASN B 31 10.86 -4.25 46.08
CA ASN B 31 11.95 -4.41 47.03
C ASN B 31 12.37 -5.86 47.25
N GLN B 32 12.02 -6.77 46.34
CA GLN B 32 12.50 -8.14 46.47
C GLN B 32 14.02 -8.18 46.33
N PRO B 33 14.71 -9.05 47.07
CA PRO B 33 16.17 -9.07 47.00
C PRO B 33 16.72 -9.71 45.71
N PHE B 34 16.69 -8.90 44.69
CA PHE B 34 17.06 -9.31 43.33
C PHE B 34 18.27 -8.51 42.89
N HIS B 35 19.35 -9.15 42.43
CA HIS B 35 20.54 -8.43 41.93
C HIS B 35 20.86 -8.80 40.48
N GLY B 36 19.95 -9.40 39.70
CA GLY B 36 20.22 -9.54 38.26
C GLY B 36 20.18 -10.92 37.63
N ILE B 37 20.82 -11.05 36.44
CA ILE B 37 20.67 -12.19 35.56
C ILE B 37 22.06 -12.67 35.17
N LYS B 38 22.31 -13.95 35.38
CA LYS B 38 23.60 -14.56 35.10
C LYS B 38 23.45 -15.62 34.02
N ASP B 39 24.61 -16.15 33.60
CA ASP B 39 24.71 -17.24 32.61
C ASP B 39 24.13 -16.85 31.25
N ILE B 40 24.26 -15.59 30.88
CA ILE B 40 23.76 -15.09 29.59
C ILE B 40 24.70 -15.54 28.48
N PRO B 41 24.20 -16.23 27.45
CA PRO B 41 25.10 -16.74 26.43
C PRO B 41 25.84 -15.63 25.72
N ILE B 42 27.14 -15.80 25.69
CA ILE B 42 28.00 -15.02 24.84
C ILE B 42 27.80 -15.46 23.39
N GLY B 43 27.78 -14.49 22.52
CA GLY B 43 27.77 -14.72 21.09
C GLY B 43 26.54 -14.21 20.41
N HIS B 44 25.54 -13.72 21.17
CA HIS B 44 24.30 -13.28 20.60
C HIS B 44 24.03 -11.89 21.13
N VAL B 45 23.21 -11.16 20.40
N VAL B 45 23.28 -11.10 20.36
CA VAL B 45 22.61 -9.94 20.92
CA VAL B 45 22.69 -9.93 20.98
C VAL B 45 21.39 -10.28 21.78
C VAL B 45 21.65 -10.43 21.97
N HIS B 46 21.22 -9.55 22.87
CA HIS B 46 20.21 -9.86 23.87
C HIS B 46 19.37 -8.62 24.08
N VAL B 47 18.20 -8.81 24.66
CA VAL B 47 17.33 -7.69 25.03
C VAL B 47 16.83 -7.96 26.43
N ILE B 48 16.92 -6.96 27.30
N ILE B 48 17.02 -6.99 27.32
CA ILE B 48 16.38 -7.07 28.64
CA ILE B 48 16.40 -7.04 28.65
C ILE B 48 15.28 -6.02 28.74
C ILE B 48 15.25 -6.05 28.62
N HIS B 49 14.10 -6.47 29.11
CA HIS B 49 12.93 -5.62 28.99
C HIS B 49 12.05 -5.66 30.22
N PHE B 50 11.17 -4.68 30.29
CA PHE B 50 10.50 -4.35 31.54
C PHE B 50 9.04 -4.01 31.30
N GLN B 51 8.20 -4.50 32.17
CA GLN B 51 6.84 -3.97 32.27
C GLN B 51 6.48 -3.78 33.74
N HIS B 52 6.24 -2.53 34.12
CA HIS B 52 5.96 -2.26 35.53
C HIS B 52 4.60 -2.82 35.92
N ALA B 53 4.50 -3.34 37.14
CA ALA B 53 3.26 -3.94 37.58
C ALA B 53 2.17 -2.88 37.72
N ASP B 54 2.55 -1.66 38.08
CA ASP B 54 1.58 -0.63 38.39
C ASP B 54 1.16 0.17 37.17
N ASN B 55 1.92 0.10 36.08
CA ASN B 55 1.54 0.80 34.86
C ASN B 55 2.09 -0.05 33.73
N SER B 56 1.26 -0.97 33.25
CA SER B 56 1.63 -1.78 32.10
C SER B 56 1.83 -0.92 30.87
N SER B 57 1.41 0.34 30.91
CA SER B 57 1.73 1.24 29.83
C SER B 57 3.24 1.41 29.73
N MET B 58 3.74 1.43 28.50
N MET B 58 3.72 1.37 28.49
CA MET B 58 5.17 1.47 28.23
CA MET B 58 5.14 1.45 28.18
C MET B 58 5.86 0.17 28.69
C MET B 58 5.89 0.21 28.65
N ARG B 59 5.92 -0.82 27.79
CA ARG B 59 7.00 -1.77 27.84
C ARG B 59 8.24 -1.04 27.34
N TYR B 60 9.40 -1.29 27.92
CA TYR B 60 10.64 -0.69 27.43
C TYR B 60 11.78 -1.64 27.71
N GLY B 61 12.93 -1.40 27.08
CA GLY B 61 14.04 -2.29 27.30
C GLY B 61 15.28 -1.89 26.53
N TYR B 62 16.29 -2.77 26.61
CA TYR B 62 17.64 -2.44 26.16
C TYR B 62 18.18 -3.61 25.35
N TRP B 63 18.60 -3.34 24.11
CA TRP B 63 19.37 -4.27 23.31
C TRP B 63 20.84 -4.10 23.64
N PHE B 64 21.56 -5.22 23.81
CA PHE B 64 22.95 -5.14 24.23
C PHE B 64 23.65 -6.42 23.80
N ASP B 65 24.98 -6.33 23.77
CA ASP B 65 25.89 -7.43 23.45
C ASP B 65 26.98 -7.39 24.50
N CYS B 66 27.07 -8.47 25.31
CA CYS B 66 28.00 -8.51 26.44
C CYS B 66 29.46 -8.44 26.03
N ARG B 67 29.77 -8.70 24.77
CA ARG B 67 31.14 -8.57 24.35
C ARG B 67 31.57 -7.13 24.23
N MET B 68 30.66 -6.18 24.31
N MET B 68 30.64 -6.19 24.33
CA MET B 68 30.96 -4.78 24.08
CA MET B 68 30.91 -4.78 24.08
C MET B 68 31.15 -3.97 25.36
C MET B 68 31.03 -3.95 25.36
N GLY B 69 31.01 -4.58 26.52
CA GLY B 69 31.13 -3.83 27.76
C GLY B 69 30.46 -4.58 28.88
N ASN B 70 30.68 -4.08 30.09
CA ASN B 70 30.02 -4.58 31.29
C ASN B 70 28.82 -3.70 31.59
N PHE B 71 27.59 -4.24 31.52
CA PHE B 71 26.34 -3.46 31.68
C PHE B 71 25.61 -3.85 32.96
N TYR B 72 25.02 -2.89 33.64
CA TYR B 72 24.22 -3.09 34.86
C TYR B 72 22.92 -2.31 34.73
N ILE B 73 21.96 -2.66 35.57
CA ILE B 73 20.63 -1.99 35.59
C ILE B 73 20.53 -1.25 36.93
N GLN B 74 20.14 0.02 36.92
CA GLN B 74 19.95 0.76 38.18
C GLN B 74 18.60 1.48 38.09
N TYR B 75 17.70 1.28 39.05
CA TYR B 75 16.39 1.98 38.99
C TYR B 75 16.60 3.48 39.22
N ASP B 76 16.01 4.35 38.39
CA ASP B 76 16.08 5.80 38.58
C ASP B 76 14.74 6.30 39.11
N PRO B 77 14.66 6.68 40.38
CA PRO B 77 13.35 7.10 40.94
C PRO B 77 12.84 8.42 40.39
N LYS B 78 13.67 9.17 39.66
CA LYS B 78 13.24 10.46 39.11
C LYS B 78 12.58 10.23 37.77
N ASP B 79 13.29 9.54 36.86
CA ASP B 79 12.72 9.20 35.58
C ASP B 79 11.81 7.98 35.66
N GLY B 80 11.80 7.27 36.78
CA GLY B 80 10.87 6.18 36.96
C GLY B 80 11.08 4.97 36.06
N LEU B 81 12.32 4.61 35.80
CA LEU B 81 12.50 3.39 35.05
C LEU B 81 13.81 2.72 35.40
N TYR B 82 13.85 1.44 35.08
CA TYR B 82 15.09 0.68 35.18
C TYR B 82 16.01 1.08 34.05
N LYS B 83 17.18 1.65 34.38
CA LYS B 83 18.12 2.12 33.34
C LYS B 83 19.30 1.19 33.17
N MET B 84 19.68 0.96 31.93
CA MET B 84 20.94 0.29 31.70
C MET B 84 22.07 1.31 31.75
N MET B 85 23.19 0.90 32.28
CA MET B 85 24.38 1.75 32.36
C MET B 85 25.60 0.86 32.20
N GLU B 86 26.71 1.46 31.79
CA GLU B 86 27.97 0.73 31.59
C GLU B 86 28.88 1.06 32.77
N GLU B 87 29.61 0.06 33.28
CA GLU B 87 30.60 0.25 34.37
C GLU B 87 31.95 0.09 33.66
N ARG B 88 32.83 1.08 33.73
CA ARG B 88 34.13 1.01 33.03
C ARG B 88 35.13 0.30 33.94
N ASP B 89 34.92 0.32 35.25
CA ASP B 89 35.88 -0.29 36.19
C ASP B 89 35.68 -1.81 36.20
N GLY B 90 36.48 -2.53 35.41
CA GLY B 90 36.25 -3.95 35.25
C GLY B 90 36.41 -4.74 36.54
N ALA B 91 37.47 -4.45 37.28
CA ALA B 91 37.80 -5.15 38.55
C ALA B 91 36.56 -5.15 39.45
N LYS B 92 36.03 -3.96 39.71
CA LYS B 92 34.91 -3.70 40.64
C LYS B 92 33.63 -4.42 40.19
N PHE B 93 33.32 -4.37 38.90
CA PHE B 93 32.10 -5.01 38.36
C PHE B 93 32.18 -6.53 38.56
N GLU B 94 33.33 -7.12 38.23
CA GLU B 94 33.53 -8.59 38.38
C GLU B 94 33.39 -8.98 39.85
N ASN B 95 33.91 -8.15 40.76
CA ASN B 95 33.85 -8.35 42.22
C ASN B 95 32.41 -8.29 42.71
N ILE B 96 31.66 -7.30 42.22
CA ILE B 96 30.23 -7.06 42.55
C ILE B 96 29.45 -8.28 42.03
N VAL B 97 29.75 -8.72 40.80
CA VAL B 97 29.03 -9.85 40.16
C VAL B 97 29.39 -11.14 40.88
N HIS B 98 30.63 -11.27 41.35
CA HIS B 98 31.03 -12.46 42.11
C HIS B 98 30.32 -12.53 43.47
N ASN B 99 30.20 -11.41 44.16
CA ASN B 99 29.57 -11.37 45.49
C ASN B 99 28.11 -11.84 45.37
N PHE B 100 27.35 -11.33 44.39
CA PHE B 100 25.91 -11.68 44.16
C PHE B 100 25.78 -13.15 43.74
N LYS B 101 26.73 -13.64 42.96
CA LYS B 101 26.76 -15.06 42.53
C LYS B 101 26.93 -15.88 43.80
N GLU B 102 27.77 -15.41 44.73
CA GLU B 102 27.99 -16.17 45.96
C GLU B 102 26.75 -16.15 46.86
N ARG B 103 26.09 -15.01 46.97
CA ARG B 103 24.86 -14.95 47.75
C ARG B 103 23.61 -15.42 47.00
N GLN B 104 23.77 -15.94 45.76
CA GLN B 104 22.68 -16.55 44.95
C GLN B 104 21.47 -15.61 44.81
N MET B 105 21.76 -14.37 44.51
CA MET B 105 20.68 -13.41 44.32
C MET B 105 20.52 -13.04 42.85
N MET B 106 20.82 -13.95 41.93
CA MET B 106 20.61 -13.75 40.50
C MET B 106 19.82 -14.91 39.91
N VAL B 107 18.95 -14.61 38.95
CA VAL B 107 18.29 -15.64 38.15
C VAL B 107 19.25 -16.06 37.04
N SER B 108 19.14 -17.33 36.65
CA SER B 108 19.97 -17.87 35.61
C SER B 108 19.23 -17.79 34.27
N TYR B 109 19.91 -17.30 33.24
CA TYR B 109 19.33 -17.34 31.90
C TYR B 109 18.97 -18.81 31.60
N PRO B 110 17.69 -19.11 31.39
CA PRO B 110 17.22 -20.49 31.49
C PRO B 110 17.22 -21.21 30.15
N LYS B 111 18.40 -21.28 29.52
CA LYS B 111 18.47 -21.88 28.20
C LYS B 111 18.49 -23.41 28.30
N ILE B 112 17.47 -24.04 27.73
CA ILE B 112 17.48 -25.47 27.46
C ILE B 112 18.53 -25.80 26.40
N ASP B 113 19.19 -26.93 26.57
CA ASP B 113 20.35 -27.22 25.74
C ASP B 113 19.96 -27.54 24.29
N GLU B 114 18.87 -28.29 24.10
CA GLU B 114 18.37 -28.58 22.74
C GLU B 114 17.92 -27.32 21.99
N ASP B 115 17.74 -26.19 22.66
CA ASP B 115 16.91 -25.11 22.17
C ASP B 115 17.74 -24.06 21.42
N ASP B 116 17.47 -23.91 20.11
CA ASP B 116 18.10 -22.90 19.29
C ASP B 116 17.21 -21.70 19.00
N THR B 117 16.10 -21.54 19.73
CA THR B 117 15.14 -20.49 19.41
C THR B 117 15.81 -19.12 19.30
N TRP B 118 16.58 -18.73 20.32
CA TRP B 118 17.07 -17.36 20.28
C TRP B 118 18.02 -17.15 19.12
N TYR B 119 18.92 -18.10 18.86
CA TYR B 119 19.80 -17.99 17.73
C TYR B 119 18.98 -17.82 16.45
N ASN B 120 17.91 -18.59 16.33
CA ASN B 120 17.13 -18.60 15.10
C ASN B 120 16.35 -17.29 14.96
N LEU B 121 16.05 -16.61 16.06
CA LEU B 121 15.39 -15.31 15.94
C LEU B 121 16.35 -14.14 15.72
N THR B 122 17.63 -14.29 16.05
CA THR B 122 18.63 -13.21 16.01
C THR B 122 19.80 -13.53 15.09
N GLU B 123 19.66 -14.54 14.24
CA GLU B 123 20.77 -15.05 13.43
C GLU B 123 21.52 -13.91 12.74
N PHE B 124 20.80 -12.97 12.15
CA PHE B 124 21.39 -11.91 11.36
C PHE B 124 21.43 -10.56 12.06
N VAL B 125 21.00 -10.51 13.32
CA VAL B 125 20.96 -9.26 14.06
C VAL B 125 22.33 -8.96 14.65
N GLN B 126 22.82 -7.73 14.46
N GLN B 126 22.84 -7.76 14.39
CA GLN B 126 24.14 -7.30 14.89
CA GLN B 126 24.11 -7.27 14.88
C GLN B 126 24.03 -5.97 15.61
C GLN B 126 23.91 -6.01 15.69
N MET B 127 24.66 -5.89 16.78
CA MET B 127 24.56 -4.68 17.61
C MET B 127 24.97 -3.43 16.85
N ASP B 128 25.94 -3.53 15.93
CA ASP B 128 26.34 -2.34 15.20
C ASP B 128 25.21 -1.83 14.31
N LYS B 129 24.39 -2.73 13.77
CA LYS B 129 23.29 -2.25 12.94
C LYS B 129 22.15 -1.74 13.80
N ILE B 130 21.91 -2.40 14.94
CA ILE B 130 20.91 -1.90 15.87
C ILE B 130 21.20 -0.43 16.21
N ARG B 131 22.47 -0.10 16.46
CA ARG B 131 22.81 1.25 16.90
C ARG B 131 22.60 2.28 15.80
N LYS B 132 22.52 1.86 14.53
CA LYS B 132 22.19 2.78 13.44
C LYS B 132 20.69 2.99 13.29
N ILE B 133 19.88 2.00 13.67
CA ILE B 133 18.43 2.20 13.71
C ILE B 133 18.03 3.01 14.95
N VAL B 134 18.70 2.75 16.07
CA VAL B 134 18.41 3.41 17.36
C VAL B 134 19.60 4.31 17.66
N ARG B 135 19.46 5.60 17.38
CA ARG B 135 20.61 6.51 17.42
C ARG B 135 20.77 7.10 18.82
N LYS B 136 21.83 6.68 19.52
CA LYS B 136 22.18 7.26 20.81
C LYS B 136 23.63 6.95 21.11
N ASP B 137 24.53 7.63 20.40
CA ASP B 137 25.87 7.13 20.19
C ASP B 137 26.69 7.04 21.46
N GLU B 138 26.30 7.75 22.52
CA GLU B 138 27.10 7.74 23.75
C GLU B 138 26.99 6.42 24.51
N ASN B 139 26.00 5.59 24.20
CA ASN B 139 25.82 4.30 24.86
C ASN B 139 26.06 3.17 23.87
N GLN B 140 26.65 2.08 24.37
CA GLN B 140 26.87 0.85 23.61
C GLN B 140 25.65 -0.04 23.51
N PHE B 141 24.60 0.28 24.25
CA PHE B 141 23.36 -0.45 24.25
C PHE B 141 22.27 0.47 23.74
N SER B 142 21.14 -0.12 23.34
CA SER B 142 20.06 0.63 22.69
C SER B 142 18.72 0.47 23.38
N TYR B 143 18.12 1.62 23.72
CA TYR B 143 16.81 1.68 24.35
C TYR B 143 15.71 1.70 23.29
N VAL B 144 14.70 0.86 23.49
CA VAL B 144 13.49 0.84 22.68
C VAL B 144 12.28 0.81 23.62
N ASP B 145 11.15 1.43 23.22
CA ASP B 145 9.91 1.22 23.96
C ASP B 145 8.69 1.11 23.05
N SER B 146 7.54 0.82 23.68
CA SER B 146 6.27 0.63 22.97
C SER B 146 5.91 1.81 22.05
N SER B 147 6.24 3.02 22.47
CA SER B 147 5.65 4.22 21.84
C SER B 147 6.54 4.84 20.78
N MET B 148 7.80 4.43 20.67
CA MET B 148 8.72 5.05 19.72
C MET B 148 8.21 4.89 18.30
N THR B 149 8.23 5.98 17.54
CA THR B 149 7.78 5.97 16.17
C THR B 149 8.98 5.81 15.24
N THR B 150 8.70 5.43 14.00
CA THR B 150 9.72 5.21 12.99
C THR B 150 9.86 6.46 12.13
N VAL B 151 11.02 6.57 11.46
CA VAL B 151 11.23 7.69 10.54
C VAL B 151 10.08 7.78 9.55
N GLN B 152 9.64 6.64 9.01
CA GLN B 152 8.54 6.68 8.05
C GLN B 152 7.24 7.13 8.69
N GLU B 153 6.98 6.70 9.93
CA GLU B 153 5.78 7.15 10.62
C GLU B 153 5.79 8.66 10.83
N ASN B 154 6.95 9.22 11.17
CA ASN B 154 7.07 10.68 11.35
C ASN B 154 6.86 11.43 10.05
N GLU B 155 7.27 10.85 8.92
CA GLU B 155 7.06 11.51 7.63
C GLU B 155 5.58 11.67 7.31
N LEU B 156 4.73 10.81 7.85
CA LEU B 156 3.30 10.80 7.51
C LEU B 156 2.42 11.26 8.68
N SER B 161 7.28 12.50 16.92
CA SER B 161 7.77 13.51 15.99
C SER B 161 9.21 13.90 16.33
N ASP B 162 9.64 13.64 17.56
CA ASP B 162 10.99 13.99 18.00
C ASP B 162 12.01 13.06 17.32
N PRO B 163 12.88 13.56 16.45
CA PRO B 163 13.74 12.65 15.67
C PRO B 163 14.78 11.89 16.50
N ALA B 164 15.18 12.40 17.67
CA ALA B 164 16.21 11.73 18.47
C ALA B 164 15.72 10.43 19.07
N HIS B 165 14.40 10.28 19.23
CA HIS B 165 13.77 9.12 19.87
C HIS B 165 13.03 8.25 18.85
N SER B 166 13.48 8.25 17.61
CA SER B 166 12.82 7.52 16.53
C SER B 166 13.54 6.20 16.25
N LEU B 167 12.84 5.30 15.57
CA LEU B 167 13.41 4.08 15.02
C LEU B 167 13.71 4.35 13.54
N ASN B 168 14.99 4.45 13.20
N ASN B 168 15.00 4.40 13.20
CA ASN B 168 15.42 4.77 11.83
CA ASN B 168 15.47 4.74 11.87
C ASN B 168 15.54 3.51 10.97
C ASN B 168 15.55 3.49 10.98
N TYR B 169 14.39 2.85 10.78
CA TYR B 169 14.33 1.69 9.90
C TYR B 169 14.47 2.18 8.48
N THR B 170 14.88 1.30 7.60
CA THR B 170 14.95 1.63 6.19
C THR B 170 13.55 1.84 5.62
N VAL B 171 13.34 3.00 4.98
CA VAL B 171 12.01 3.31 4.46
C VAL B 171 11.74 2.47 3.22
N ILE B 172 10.61 1.77 3.24
CA ILE B 172 10.10 0.98 2.11
C ILE B 172 8.73 1.54 1.75
N ASN B 173 8.56 1.96 0.49
CA ASN B 173 7.28 2.51 0.08
C ASN B 173 7.03 2.07 -1.36
N PHE B 174 6.03 1.22 -1.56
CA PHE B 174 5.85 0.59 -2.86
C PHE B 174 5.37 1.58 -3.91
N LYS B 175 4.79 2.69 -3.49
CA LYS B 175 4.34 3.73 -4.44
C LYS B 175 5.20 4.97 -4.25
N SER B 176 6.47 4.84 -4.63
CA SER B 176 7.47 5.86 -4.48
C SER B 176 8.39 5.82 -5.68
N ARG B 177 9.03 6.95 -5.98
CA ARG B 177 9.90 6.97 -7.14
C ARG B 177 11.10 6.06 -6.92
N GLU B 178 11.50 5.84 -5.66
CA GLU B 178 12.57 4.89 -5.39
C GLU B 178 12.18 3.48 -5.82
N ALA B 179 10.91 3.13 -5.68
CA ALA B 179 10.46 1.77 -5.96
C ALA B 179 10.12 1.56 -7.43
N ILE B 180 9.94 2.64 -8.19
CA ILE B 180 9.35 2.56 -9.52
C ILE B 180 10.26 3.30 -10.50
N ARG B 181 10.81 2.55 -11.46
CA ARG B 181 11.60 3.14 -12.53
C ARG B 181 10.71 3.84 -13.56
N PRO B 182 11.03 5.07 -13.93
CA PRO B 182 10.30 5.73 -15.01
C PRO B 182 10.22 4.83 -16.24
N GLY B 183 9.01 4.67 -16.76
CA GLY B 183 8.81 3.79 -17.90
C GLY B 183 8.75 2.31 -17.61
N HIS B 184 8.91 1.90 -16.34
CA HIS B 184 8.67 0.53 -15.92
C HIS B 184 7.56 0.47 -14.86
N GLU B 185 6.60 1.39 -14.93
CA GLU B 185 5.63 1.54 -13.85
C GLU B 185 4.87 0.25 -13.58
N MET B 186 4.20 -0.30 -14.59
CA MET B 186 3.46 -1.54 -14.36
C MET B 186 4.40 -2.67 -13.97
N GLU B 187 5.49 -2.80 -14.71
CA GLU B 187 6.44 -3.88 -14.45
C GLU B 187 6.92 -3.83 -13.02
N ASP B 188 7.38 -2.66 -12.58
CA ASP B 188 7.98 -2.58 -11.25
C ASP B 188 6.95 -2.63 -10.12
N PHE B 189 5.70 -2.23 -10.37
CA PHE B 189 4.71 -2.28 -9.29
C PHE B 189 4.20 -3.70 -9.08
N LEU B 190 4.04 -4.45 -10.17
CA LEU B 190 3.50 -5.80 -10.09
C LEU B 190 4.56 -6.84 -9.74
N ASP B 191 5.82 -6.61 -10.12
CA ASP B 191 6.98 -7.46 -9.79
C ASP B 191 8.06 -6.57 -9.18
N LYS B 192 8.21 -6.62 -7.87
CA LYS B 192 9.11 -5.70 -7.18
C LYS B 192 10.60 -6.11 -7.20
N SER B 193 11.04 -6.97 -8.12
CA SER B 193 12.41 -7.47 -8.05
C SER B 193 13.45 -6.36 -8.16
N TYR B 194 13.23 -5.34 -9.00
N TYR B 194 13.22 -5.36 -9.03
N TYR B 194 13.24 -5.36 -9.02
CA TYR B 194 14.26 -4.31 -9.12
CA TYR B 194 14.14 -4.24 -9.16
CA TYR B 194 14.22 -4.29 -9.14
C TYR B 194 14.40 -3.53 -7.82
C TYR B 194 14.38 -3.58 -7.81
C TYR B 194 14.40 -3.56 -7.81
N TYR B 195 13.28 -3.25 -7.15
CA TYR B 195 13.34 -2.57 -5.86
C TYR B 195 14.02 -3.45 -4.82
N LEU B 196 13.68 -4.74 -4.78
CA LEU B 196 14.34 -5.65 -3.82
C LEU B 196 15.81 -5.79 -4.11
N ASN B 197 16.16 -6.15 -5.35
CA ASN B 197 17.52 -6.62 -5.64
C ASN B 197 18.49 -5.47 -5.93
N THR B 198 18.06 -4.49 -6.72
CA THR B 198 18.96 -3.40 -7.08
C THR B 198 18.91 -2.26 -6.06
N VAL B 199 17.70 -1.79 -5.74
CA VAL B 199 17.60 -0.63 -4.86
C VAL B 199 17.98 -1.01 -3.43
N MET B 200 17.36 -2.06 -2.92
CA MET B 200 17.51 -2.34 -1.49
C MET B 200 18.71 -3.22 -1.19
N LEU B 201 18.81 -4.36 -1.87
CA LEU B 201 19.89 -5.31 -1.57
C LEU B 201 21.25 -4.79 -2.05
N GLN B 202 21.39 -4.53 -3.36
N GLN B 202 21.40 -4.54 -3.36
CA GLN B 202 22.66 -4.03 -3.87
CA GLN B 202 22.67 -4.04 -3.84
C GLN B 202 22.93 -2.61 -3.37
C GLN B 202 22.93 -2.62 -3.34
N GLY B 203 21.91 -1.77 -3.36
CA GLY B 203 22.07 -0.37 -3.04
C GLY B 203 22.23 0.00 -1.58
N ILE B 204 21.31 -0.43 -0.74
CA ILE B 204 21.16 0.12 0.59
C ILE B 204 21.69 -0.85 1.62
N PHE B 205 21.18 -2.08 1.63
CA PHE B 205 21.58 -3.06 2.63
C PHE B 205 22.94 -3.69 2.33
N LYS B 206 23.31 -3.74 1.04
CA LYS B 206 24.56 -4.31 0.56
C LYS B 206 24.51 -5.83 0.44
N ASN B 207 23.81 -6.53 1.35
CA ASN B 207 23.69 -7.97 1.23
C ASN B 207 22.43 -8.43 1.96
N SER B 208 22.04 -9.69 1.72
CA SER B 208 20.79 -10.17 2.31
C SER B 208 20.91 -10.32 3.82
N SER B 209 22.13 -10.55 4.35
CA SER B 209 22.28 -10.68 5.79
C SER B 209 21.85 -9.41 6.51
N ASN B 210 22.26 -8.24 6.02
CA ASN B 210 21.82 -7.00 6.68
C ASN B 210 20.32 -6.81 6.53
N TYR B 211 19.75 -7.18 5.37
CA TYR B 211 18.30 -7.11 5.19
C TYR B 211 17.58 -7.97 6.22
N PHE B 212 17.99 -9.23 6.33
CA PHE B 212 17.35 -10.10 7.30
C PHE B 212 17.55 -9.61 8.71
N GLY B 213 18.70 -8.99 9.00
CA GLY B 213 18.94 -8.50 10.36
C GLY B 213 17.91 -7.45 10.76
N GLU B 214 17.66 -6.50 9.88
CA GLU B 214 16.67 -5.46 10.15
C GLU B 214 15.28 -6.07 10.24
N LEU B 215 14.99 -7.04 9.38
CA LEU B 215 13.70 -7.73 9.43
C LEU B 215 13.52 -8.42 10.78
N GLN B 216 14.54 -9.16 11.23
CA GLN B 216 14.43 -9.84 12.49
C GLN B 216 14.34 -8.87 13.67
N PHE B 217 15.07 -7.75 13.61
CA PHE B 217 15.03 -6.74 14.67
C PHE B 217 13.67 -6.08 14.74
N ALA B 218 13.08 -5.79 13.57
CA ALA B 218 11.74 -5.20 13.56
C ALA B 218 10.71 -6.17 14.17
N PHE B 219 10.78 -7.45 13.82
CA PHE B 219 9.85 -8.38 14.44
C PHE B 219 10.01 -8.40 15.95
N LEU B 220 11.26 -8.45 16.43
CA LEU B 220 11.45 -8.58 17.87
C LEU B 220 10.96 -7.35 18.61
N ASN B 221 11.12 -6.16 18.02
CA ASN B 221 10.59 -4.97 18.68
CA ASN B 221 10.59 -4.95 18.66
C ASN B 221 9.06 -4.97 18.66
N ALA B 222 8.47 -5.48 17.56
CA ALA B 222 7.03 -5.64 17.53
C ALA B 222 6.55 -6.58 18.62
N MET B 223 7.21 -7.73 18.77
CA MET B 223 6.73 -8.73 19.71
C MET B 223 6.99 -8.31 21.16
N PHE B 224 8.19 -7.86 21.46
CA PHE B 224 8.50 -7.61 22.86
C PHE B 224 7.96 -6.29 23.37
N PHE B 225 7.79 -5.28 22.51
CA PHE B 225 7.31 -3.98 22.98
C PHE B 225 5.96 -3.62 22.41
N GLY B 226 5.36 -4.44 21.58
CA GLY B 226 4.12 -4.03 20.93
C GLY B 226 4.32 -2.75 20.14
N ASN B 227 5.50 -2.59 19.55
CA ASN B 227 5.84 -1.37 18.84
C ASN B 227 5.21 -1.44 17.47
N TYR B 228 4.22 -0.57 17.20
CA TYR B 228 3.43 -0.73 15.99
C TYR B 228 4.23 -0.45 14.72
N GLY B 229 5.13 0.52 14.75
CA GLY B 229 5.87 0.86 13.53
C GLY B 229 6.87 -0.20 13.15
N SER B 230 7.38 -0.88 14.16
CA SER B 230 8.20 -2.08 13.93
C SER B 230 7.40 -3.18 13.25
N SER B 231 6.17 -3.42 13.70
CA SER B 231 5.34 -4.41 13.03
C SER B 231 5.13 -4.04 11.57
N LEU B 232 4.89 -2.75 11.30
CA LEU B 232 4.74 -2.28 9.91
C LEU B 232 5.99 -2.59 9.10
N GLN B 233 7.18 -2.33 9.68
CA GLN B 233 8.42 -2.55 8.96
C GLN B 233 8.63 -4.03 8.68
N TRP B 234 8.37 -4.88 9.67
CA TRP B 234 8.53 -6.33 9.49
C TRP B 234 7.68 -6.82 8.31
N HIS B 235 6.41 -6.39 8.27
CA HIS B 235 5.53 -6.87 7.21
C HIS B 235 5.96 -6.30 5.86
N ALA B 236 6.44 -5.05 5.85
CA ALA B 236 6.84 -4.45 4.59
C ALA B 236 8.03 -5.20 4.01
N MET B 237 8.96 -5.61 4.87
CA MET B 237 10.13 -6.32 4.37
C MET B 237 9.80 -7.71 3.91
N ILE B 238 8.80 -8.35 4.52
CA ILE B 238 8.32 -9.64 4.02
C ILE B 238 7.64 -9.43 2.68
N GLU B 239 6.75 -8.44 2.65
CA GLU B 239 5.96 -8.23 1.42
C GLU B 239 6.87 -7.92 0.24
N LEU B 240 7.96 -7.18 0.46
CA LEU B 240 8.83 -6.84 -0.68
C LEU B 240 9.46 -8.08 -1.31
N ILE B 241 9.83 -9.06 -0.47
CA ILE B 241 10.37 -10.30 -1.01
C ILE B 241 9.28 -11.12 -1.67
N CYS B 242 8.13 -11.28 -0.99
CA CYS B 242 7.08 -12.13 -1.52
C CYS B 242 6.57 -11.61 -2.85
N SER B 243 6.60 -10.28 -3.04
CA SER B 243 6.12 -9.63 -4.24
C SER B 243 7.17 -9.48 -5.33
N SER B 244 8.30 -10.12 -5.19
CA SER B 244 9.35 -10.12 -6.21
C SER B 244 9.38 -11.47 -6.89
N ALA B 245 9.33 -11.47 -8.24
CA ALA B 245 9.36 -12.71 -8.98
C ALA B 245 10.75 -13.32 -8.98
N THR B 246 11.78 -12.52 -8.77
CA THR B 246 13.17 -12.98 -8.89
C THR B 246 13.88 -12.71 -7.56
N VAL B 247 14.06 -13.79 -6.81
CA VAL B 247 14.75 -13.71 -5.52
C VAL B 247 15.79 -14.82 -5.51
N PRO B 248 17.01 -14.55 -5.09
CA PRO B 248 17.97 -15.65 -4.89
C PRO B 248 17.40 -16.81 -4.08
N LYS B 249 17.72 -18.02 -4.53
CA LYS B 249 17.13 -19.22 -3.96
C LYS B 249 17.51 -19.35 -2.48
N HIS B 250 18.72 -18.91 -2.13
CA HIS B 250 19.17 -19.00 -0.75
C HIS B 250 18.44 -18.02 0.16
N MET B 251 18.03 -16.87 -0.38
CA MET B 251 17.26 -15.95 0.43
C MET B 251 15.88 -16.49 0.74
N LEU B 252 15.23 -17.12 -0.25
CA LEU B 252 13.90 -17.67 -0.02
C LEU B 252 13.97 -18.78 1.01
N ASP B 253 14.93 -19.67 0.87
CA ASP B 253 15.07 -20.73 1.87
C ASP B 253 15.32 -20.14 3.25
N LYS B 254 16.19 -19.14 3.35
CA LYS B 254 16.44 -18.59 4.67
C LYS B 254 15.22 -17.85 5.18
N LEU B 255 14.53 -17.10 4.31
CA LEU B 255 13.32 -16.38 4.76
C LEU B 255 12.31 -17.35 5.37
N ASP B 256 12.13 -18.50 4.73
CA ASP B 256 11.18 -19.49 5.23
C ASP B 256 11.55 -19.92 6.64
N GLU B 257 12.85 -20.10 6.90
CA GLU B 257 13.30 -20.47 8.24
C GLU B 257 13.09 -19.33 9.22
N ILE B 258 13.42 -18.10 8.80
CA ILE B 258 13.27 -16.96 9.68
C ILE B 258 11.83 -16.82 10.12
N LEU B 259 10.92 -16.86 9.15
CA LEU B 259 9.52 -16.62 9.46
C LEU B 259 8.95 -17.75 10.27
N TYR B 260 9.39 -18.97 9.99
CA TYR B 260 8.90 -20.12 10.73
C TYR B 260 9.12 -19.91 12.21
N TYR B 261 10.33 -19.48 12.59
CA TYR B 261 10.65 -19.38 14.02
C TYR B 261 9.99 -18.15 14.65
N GLN B 262 9.73 -17.12 13.84
CA GLN B 262 9.01 -15.96 14.34
C GLN B 262 7.58 -16.34 14.64
N ILE B 263 6.92 -17.02 13.71
CA ILE B 263 5.55 -17.45 13.90
C ILE B 263 5.48 -18.46 15.05
N LYS B 264 6.47 -19.33 15.15
CA LYS B 264 6.49 -20.32 16.23
C LYS B 264 6.54 -19.64 17.59
N THR B 265 7.27 -18.54 17.69
CA THR B 265 7.52 -17.88 18.98
C THR B 265 6.40 -16.93 19.37
N LEU B 266 5.70 -16.35 18.39
CA LEU B 266 4.67 -15.36 18.69
C LEU B 266 3.67 -15.92 19.68
N PRO B 267 3.33 -15.19 20.74
CA PRO B 267 2.23 -15.62 21.60
C PRO B 267 0.96 -15.83 20.80
N GLU B 268 0.29 -16.93 21.08
CA GLU B 268 -0.95 -17.26 20.37
C GLU B 268 -1.95 -16.13 20.52
N GLN B 269 -2.00 -15.50 21.69
CA GLN B 269 -2.99 -14.50 22.00
C GLN B 269 -2.68 -13.11 21.42
N TYR B 270 -1.51 -12.90 20.82
CA TYR B 270 -1.17 -11.61 20.22
C TYR B 270 -1.30 -11.63 18.69
N SER B 271 -1.74 -12.74 18.11
CA SER B 271 -1.78 -12.84 16.65
C SER B 271 -2.67 -11.76 16.06
N ASP B 272 -3.81 -11.50 16.70
CA ASP B 272 -4.77 -10.52 16.19
C ASP B 272 -4.15 -9.17 15.93
N ILE B 273 -3.15 -8.78 16.70
CA ILE B 273 -2.58 -7.43 16.60
C ILE B 273 -1.19 -7.42 15.97
N LEU B 274 -0.45 -8.53 15.99
CA LEU B 274 0.89 -8.55 15.40
C LEU B 274 0.92 -9.12 13.99
N LEU B 275 -0.20 -9.65 13.46
CA LEU B 275 -0.17 -10.28 12.13
C LEU B 275 -1.14 -9.58 11.21
N ASN B 276 -0.66 -9.18 10.03
CA ASN B 276 -1.46 -8.47 9.05
C ASN B 276 -2.03 -9.47 8.05
N GLU B 277 -3.35 -9.69 8.14
CA GLU B 277 -4.06 -10.64 7.28
C GLU B 277 -3.72 -10.45 5.81
N ARG B 278 -3.69 -9.20 5.35
CA ARG B 278 -3.49 -8.96 3.92
C ARG B 278 -2.12 -9.42 3.46
N VAL B 279 -1.07 -9.06 4.21
CA VAL B 279 0.27 -9.42 3.80
C VAL B 279 0.43 -10.93 3.78
N TRP B 280 -0.03 -11.60 4.84
CA TRP B 280 0.23 -13.03 4.95
C TRP B 280 -0.55 -13.81 3.88
N ASN B 281 -1.81 -13.46 3.66
CA ASN B 281 -2.56 -14.17 2.62
C ASN B 281 -1.94 -13.93 1.26
N ILE B 282 -1.56 -12.68 0.97
CA ILE B 282 -0.85 -12.39 -0.26
C ILE B 282 0.40 -13.23 -0.36
N CYS B 283 1.22 -13.24 0.70
CA CYS B 283 2.52 -13.89 0.61
C CYS B 283 2.38 -15.39 0.44
N LEU B 284 1.44 -16.01 1.16
CA LEU B 284 1.32 -17.46 1.13
C LEU B 284 0.47 -17.98 -0.02
N TYR B 285 -0.47 -17.20 -0.54
CA TYR B 285 -1.46 -17.74 -1.45
C TYR B 285 -1.52 -17.06 -2.81
N SER B 286 -1.16 -15.78 -2.91
CA SER B 286 -1.25 -15.04 -4.17
C SER B 286 0.09 -14.71 -4.80
N SER B 287 1.13 -14.51 -4.01
CA SER B 287 2.36 -13.86 -4.45
C SER B 287 3.21 -14.81 -5.31
N PHE B 288 4.26 -14.22 -5.90
CA PHE B 288 5.22 -15.01 -6.66
C PHE B 288 5.80 -16.14 -5.84
N GLN B 289 5.96 -15.92 -4.54
CA GLN B 289 6.62 -16.87 -3.67
C GLN B 289 5.61 -17.76 -2.92
N LYS B 290 4.36 -17.82 -3.39
CA LYS B 290 3.32 -18.59 -2.70
C LYS B 290 3.69 -20.06 -2.51
N ASN B 291 4.61 -20.60 -3.30
CA ASN B 291 4.98 -22.00 -3.22
C ASN B 291 6.38 -22.21 -2.69
N SER B 292 6.98 -21.17 -2.11
CA SER B 292 8.38 -21.16 -1.75
C SER B 292 8.60 -21.05 -0.25
N LEU B 293 7.53 -21.01 0.53
CA LEU B 293 7.64 -20.83 1.98
C LEU B 293 6.94 -21.99 2.70
N HIS B 294 7.43 -23.19 2.46
CA HIS B 294 6.69 -24.39 2.87
C HIS B 294 6.60 -24.49 4.38
N ASN B 295 7.71 -24.22 5.08
CA ASN B 295 7.70 -24.35 6.53
C ASN B 295 6.79 -23.29 7.15
N THR B 296 6.89 -22.07 6.65
CA THR B 296 6.10 -20.98 7.18
C THR B 296 4.62 -21.21 6.91
N GLU B 297 4.28 -21.64 5.68
CA GLU B 297 2.88 -21.90 5.35
C GLU B 297 2.33 -23.03 6.21
N LYS B 298 3.13 -24.06 6.46
CA LYS B 298 2.62 -25.15 7.30
C LYS B 298 2.35 -24.70 8.73
N ILE B 299 3.26 -23.92 9.33
CA ILE B 299 3.03 -23.54 10.72
C ILE B 299 1.89 -22.52 10.81
N MET B 300 1.79 -21.60 9.84
CA MET B 300 0.69 -20.63 9.85
C MET B 300 -0.67 -21.33 9.74
N GLU B 301 -0.79 -22.30 8.81
CA GLU B 301 -2.06 -22.99 8.62
C GLU B 301 -2.47 -23.79 9.84
N ASN B 302 -1.51 -24.38 10.56
CA ASN B 302 -1.85 -25.19 11.71
C ASN B 302 -2.05 -24.36 12.98
N LYS B 303 -1.44 -23.19 13.05
CA LYS B 303 -1.47 -22.40 14.26
C LYS B 303 -2.41 -21.21 14.19
N TYR B 304 -2.55 -20.58 13.03
CA TYR B 304 -3.43 -19.43 12.86
C TYR B 304 -4.33 -19.60 11.63
N PRO B 305 -5.06 -20.72 11.53
CA PRO B 305 -5.93 -20.90 10.37
C PRO B 305 -7.03 -19.87 10.27
N GLU B 306 -7.35 -19.18 11.38
CA GLU B 306 -8.39 -18.15 11.35
C GLU B 306 -7.94 -16.96 10.52
N LEU B 307 -6.72 -16.47 10.78
CA LEU B 307 -6.17 -15.36 10.00
C LEU B 307 -6.31 -15.61 8.51
N LEU B 308 -6.27 -16.86 8.07
CA LEU B 308 -6.29 -17.18 6.66
C LEU B 308 -7.63 -17.79 6.27
N1 W6L C . 26.56 0.78 40.41
C7 W6L C . 28.30 -0.58 39.42
C8 W6L C . 28.86 -1.89 39.09
C1 W6L C . 25.36 -3.05 42.50
C5 W6L C . 25.10 -3.40 40.17
C6 W6L C . 27.38 -0.39 40.65
C4 W6L C . 25.95 -2.34 39.91
C3 W6L C . 26.48 -1.58 40.95
C2 W6L C . 26.19 -1.96 42.25
N W6L C . 29.30 -2.87 38.82
C W6L C . 24.81 -3.76 41.44
H9 W6L C . 25.56 0.57 40.42
H10 W6L C . 26.76 1.55 41.06
H6 W6L C . 29.13 0.12 39.47
H7 W6L C . 27.75 -0.26 38.55
H2 W6L C . 25.11 -3.29 43.53
H5 W6L C . 24.48 -3.88 39.43
H W6L C . 27.99 -0.17 41.51
H4 W6L C . 26.09 -2.13 38.86
H3 W6L C . 26.60 -1.41 43.10
H1 W6L C . 24.03 -4.52 41.53
#